data_4PVX
#
_entry.id   4PVX
#
_cell.length_a   111.260
_cell.length_b   111.260
_cell.length_c   69.340
_cell.angle_alpha   90.00
_cell.angle_beta   90.00
_cell.angle_gamma   90.00
#
_symmetry.space_group_name_H-M   'P 41 21 2'
#
loop_
_entity.id
_entity.type
_entity.pdbx_description
1 polymer 'Farnesyl pyrophosphate synthase'
2 non-polymer 'MAGNESIUM ION'
3 non-polymer '[({4-[4-(cyclopropyloxy)phenyl]pyridin-2-yl}amino)methanediyl]bis(phosphonic acid)'
4 non-polymer GLYCEROL
5 water water
#
_entity_poly.entity_id   1
_entity_poly.type   'polypeptide(L)'
_entity_poly.pdbx_seq_one_letter_code
;MGSSHHHHHHSSGRENLYFQGHMNGDQNSDVYAQEKQDFVQHFSQIVRVLTEDEMGHPEIGDAIARLKEVLEYNAIGGKY
NRGLTVVVAFRELVEPRKQDADSLQRAWTVGWCVELLQAFFLVADDIMDSSLTRRGQICWYQKPGVGLDAINDANLLEAC
IYRLLKLYCREQPYYLNLIELFLQSSYQTEIGQTLDLLTAPQGNVDLVRFTEKRYKSIVKYKTAFYSFYLPIAAAMYMAG
IDGEKEHANAKKILLEMGEFFQIQDDYLDLFGDPSVTGKIGTDIQDNKCSWLVVQCLQRATPEQYQILKENYGQKEAEKV
ARVKALYEELDLPAVFLQYEEDSYSHIMALIEQYAAPLPPAVFLGLARKIYKRRK
;
_entity_poly.pdbx_strand_id   F
#
loop_
_chem_comp.id
_chem_comp.type
_chem_comp.name
_chem_comp.formula
GOL non-polymer GLYCEROL 'C3 H8 O3'
MG non-polymer 'MAGNESIUM ION' 'Mg 2'
YS1 non-polymer '[({4-[4-(cyclopropyloxy)phenyl]pyridin-2-yl}amino)methanediyl]bis(phosphonic acid)' 'C15 H18 N2 O7 P2'
#
# COMPACT_ATOMS: atom_id res chain seq x y z
N ASP A 30 -4.86 -7.89 -20.48
CA ASP A 30 -4.47 -7.56 -19.08
C ASP A 30 -5.51 -8.10 -18.07
N VAL A 31 -5.14 -9.12 -17.31
CA VAL A 31 -6.08 -9.84 -16.38
C VAL A 31 -6.66 -9.02 -15.22
N TYR A 32 -6.00 -7.93 -14.87
CA TYR A 32 -6.48 -7.01 -13.87
C TYR A 32 -7.70 -6.20 -14.37
N ALA A 33 -7.62 -5.64 -15.58
CA ALA A 33 -8.78 -4.98 -16.23
C ALA A 33 -9.97 -5.93 -16.41
N GLN A 34 -9.64 -7.15 -16.86
CA GLN A 34 -10.61 -8.25 -17.00
C GLN A 34 -11.42 -8.48 -15.71
N GLU A 35 -10.79 -8.36 -14.55
CA GLU A 35 -11.53 -8.65 -13.32
C GLU A 35 -11.99 -7.38 -12.59
N LYS A 36 -11.60 -6.21 -13.09
CA LYS A 36 -11.87 -4.95 -12.40
C LYS A 36 -13.35 -4.62 -12.19
N GLN A 37 -14.14 -4.61 -13.25
CA GLN A 37 -15.52 -4.16 -13.16
C GLN A 37 -16.30 -4.95 -12.13
N ASP A 38 -16.21 -6.29 -12.17
CA ASP A 38 -16.96 -7.15 -11.21
C ASP A 38 -16.53 -6.89 -9.74
N PHE A 39 -15.25 -6.56 -9.58
CA PHE A 39 -14.65 -6.28 -8.27
C PHE A 39 -15.18 -4.95 -7.74
N VAL A 40 -15.26 -3.96 -8.63
CA VAL A 40 -15.65 -2.63 -8.23
C VAL A 40 -17.11 -2.64 -7.93
N GLN A 41 -17.91 -3.27 -8.79
CA GLN A 41 -19.33 -3.40 -8.55
C GLN A 41 -19.63 -4.15 -7.27
N HIS A 42 -18.68 -4.97 -6.80
CA HIS A 42 -18.94 -5.73 -5.59
C HIS A 42 -18.93 -4.77 -4.37
N PHE A 43 -18.46 -3.54 -4.54
CA PHE A 43 -18.36 -2.56 -3.46
C PHE A 43 -19.72 -2.25 -2.83
N SER A 44 -20.75 -2.04 -3.66
CA SER A 44 -22.13 -1.84 -3.17
C SER A 44 -22.53 -2.95 -2.23
N GLN A 45 -22.18 -4.18 -2.57
CA GLN A 45 -22.56 -5.28 -1.74
C GLN A 45 -21.81 -5.16 -0.42
N ILE A 46 -20.50 -4.84 -0.47
CA ILE A 46 -19.69 -4.65 0.75
C ILE A 46 -20.33 -3.58 1.70
N VAL A 47 -20.58 -2.40 1.14
CA VAL A 47 -21.27 -1.32 1.83
C VAL A 47 -22.64 -1.71 2.36
N ARG A 48 -23.43 -2.41 1.53
CA ARG A 48 -24.73 -2.90 1.93
C ARG A 48 -24.60 -3.88 3.10
N VAL A 49 -23.76 -4.91 2.99
CA VAL A 49 -23.69 -5.87 4.11
C VAL A 49 -23.10 -5.20 5.41
N LEU A 50 -22.19 -4.24 5.29
CA LEU A 50 -21.63 -3.54 6.48
C LEU A 50 -22.59 -2.50 7.04
N THR A 51 -23.52 -2.02 6.24
CA THR A 51 -24.62 -1.20 6.74
C THR A 51 -25.83 -2.04 7.28
N GLU A 52 -26.19 -3.11 6.58
CA GLU A 52 -27.39 -3.93 6.91
C GLU A 52 -27.24 -4.86 8.11
N ASP A 53 -26.02 -5.35 8.33
CA ASP A 53 -25.68 -6.18 9.51
C ASP A 53 -26.06 -5.54 10.88
N GLU A 54 -26.45 -4.27 10.88
CA GLU A 54 -26.97 -3.65 12.09
C GLU A 54 -28.25 -2.77 11.93
N MET A 55 -29.09 -3.17 10.97
CA MET A 55 -30.49 -2.72 10.92
C MET A 55 -31.28 -3.20 12.18
N GLY A 56 -30.87 -4.35 12.76
CA GLY A 56 -31.35 -4.80 14.09
C GLY A 56 -31.04 -3.90 15.30
N HIS A 57 -30.12 -2.93 15.13
CA HIS A 57 -29.78 -1.95 16.18
C HIS A 57 -29.92 -0.48 15.70
N PRO A 58 -31.16 0.01 15.50
CA PRO A 58 -31.35 1.39 14.99
C PRO A 58 -30.64 2.54 15.73
N GLU A 59 -30.42 2.40 17.05
CA GLU A 59 -29.73 3.47 17.89
C GLU A 59 -28.30 3.78 17.35
N ILE A 60 -27.69 2.84 16.65
CA ILE A 60 -26.44 3.16 15.96
C ILE A 60 -26.58 3.64 14.50
N GLY A 61 -27.81 3.96 14.04
CA GLY A 61 -28.04 4.43 12.64
C GLY A 61 -27.05 5.52 12.17
N ASP A 62 -26.83 6.52 13.01
CA ASP A 62 -26.05 7.67 12.63
C ASP A 62 -24.55 7.29 12.52
N ALA A 63 -24.08 6.37 13.36
CA ALA A 63 -22.70 5.86 13.28
C ALA A 63 -22.52 5.09 12.03
N ILE A 64 -23.53 4.31 11.68
CA ILE A 64 -23.46 3.50 10.47
C ILE A 64 -23.44 4.36 9.20
N ALA A 65 -24.21 5.43 9.19
CA ALA A 65 -24.20 6.37 8.07
C ALA A 65 -22.82 7.06 8.00
N ARG A 66 -22.22 7.40 9.13
CA ARG A 66 -20.88 7.97 9.08
C ARG A 66 -19.89 6.94 8.46
N LEU A 67 -20.02 5.67 8.84
CA LEU A 67 -19.18 4.63 8.30
C LEU A 67 -19.32 4.58 6.78
N LYS A 68 -20.55 4.66 6.32
CA LYS A 68 -20.81 4.58 4.94
C LYS A 68 -20.13 5.73 4.22
N GLU A 69 -20.22 6.91 4.78
CA GLU A 69 -19.59 8.07 4.18
C GLU A 69 -18.06 7.92 4.15
N VAL A 70 -17.51 7.33 5.20
CA VAL A 70 -16.09 7.08 5.32
C VAL A 70 -15.64 6.08 4.25
N LEU A 71 -16.39 4.99 4.08
CA LEU A 71 -16.09 4.00 3.08
C LEU A 71 -16.09 4.59 1.71
N GLU A 72 -17.08 5.44 1.46
CA GLU A 72 -17.31 5.97 0.13
C GLU A 72 -16.34 7.01 -0.30
N TYR A 73 -15.89 7.82 0.65
CA TYR A 73 -14.86 8.82 0.42
C TYR A 73 -13.50 8.14 0.28
N ASN A 74 -13.21 7.12 1.09
CA ASN A 74 -11.83 6.66 1.29
C ASN A 74 -11.41 5.31 0.70
N ALA A 75 -12.37 4.45 0.36
CA ALA A 75 -12.05 3.14 -0.17
C ALA A 75 -12.28 3.07 -1.66
N ILE A 76 -12.75 4.14 -2.25
CA ILE A 76 -13.03 4.24 -3.67
C ILE A 76 -12.12 5.25 -4.28
N GLY A 77 -11.67 4.99 -5.50
CA GLY A 77 -11.03 6.02 -6.29
C GLY A 77 -9.59 5.72 -6.63
N GLY A 78 -9.05 4.66 -6.05
CA GLY A 78 -7.68 4.26 -6.34
C GLY A 78 -7.75 3.30 -7.50
N LYS A 79 -6.63 2.65 -7.76
CA LYS A 79 -6.51 1.72 -8.86
C LYS A 79 -6.82 0.27 -8.47
N TYR A 80 -6.99 0.02 -7.17
CA TYR A 80 -7.42 -1.29 -6.61
C TYR A 80 -6.45 -2.41 -6.90
N ASN A 81 -5.20 -2.09 -7.09
CA ASN A 81 -4.35 -3.15 -7.47
C ASN A 81 -4.17 -4.20 -6.38
N ARG A 82 -4.25 -3.79 -5.10
CA ARG A 82 -3.95 -4.71 -4.06
C ARG A 82 -5.13 -5.62 -3.92
N GLY A 83 -6.35 -5.09 -3.94
CA GLY A 83 -7.53 -5.95 -3.81
C GLY A 83 -7.73 -6.86 -5.02
N LEU A 84 -7.56 -6.31 -6.20
CA LEU A 84 -7.60 -7.07 -7.41
C LEU A 84 -6.59 -8.20 -7.47
N THR A 85 -5.41 -7.99 -6.88
CA THR A 85 -4.40 -9.03 -6.81
C THR A 85 -4.93 -10.29 -6.11
N VAL A 86 -5.68 -10.12 -5.04
CA VAL A 86 -6.33 -11.28 -4.39
C VAL A 86 -7.16 -12.05 -5.35
N VAL A 87 -7.92 -11.32 -6.17
CA VAL A 87 -8.91 -11.96 -7.06
C VAL A 87 -8.30 -12.69 -8.26
N VAL A 88 -7.33 -12.02 -8.90
CA VAL A 88 -6.59 -12.57 -10.04
C VAL A 88 -5.85 -13.81 -9.53
N ALA A 89 -5.10 -13.66 -8.43
CA ALA A 89 -4.40 -14.79 -7.81
C ALA A 89 -5.30 -15.98 -7.45
N PHE A 90 -6.45 -15.69 -6.87
CA PHE A 90 -7.45 -16.72 -6.60
C PHE A 90 -7.90 -17.51 -7.85
N ARG A 91 -8.30 -16.83 -8.88
CA ARG A 91 -8.58 -17.44 -10.18
C ARG A 91 -7.43 -18.33 -10.71
N GLU A 92 -6.21 -17.90 -10.50
CA GLU A 92 -5.06 -18.64 -11.02
C GLU A 92 -4.62 -19.81 -10.13
N LEU A 93 -4.99 -19.80 -8.87
CA LEU A 93 -4.56 -20.84 -7.95
C LEU A 93 -5.65 -21.88 -7.65
N VAL A 94 -6.91 -21.53 -7.76
CA VAL A 94 -7.96 -22.47 -7.43
C VAL A 94 -8.37 -23.09 -8.76
N GLU A 95 -8.52 -24.40 -8.76
CA GLU A 95 -9.03 -25.17 -9.90
C GLU A 95 -10.38 -24.61 -10.30
N PRO A 96 -10.61 -24.41 -11.59
CA PRO A 96 -11.89 -23.76 -11.97
C PRO A 96 -13.16 -24.43 -11.49
N ARG A 97 -13.19 -25.77 -11.43
CA ARG A 97 -14.35 -26.50 -10.90
C ARG A 97 -14.63 -26.15 -9.43
N LYS A 98 -13.64 -25.60 -8.72
CA LYS A 98 -13.88 -25.19 -7.35
C LYS A 98 -14.12 -23.71 -7.27
N GLN A 99 -14.30 -23.04 -8.40
CA GLN A 99 -14.62 -21.60 -8.36
C GLN A 99 -16.13 -21.36 -8.52
N ASP A 100 -16.90 -21.93 -7.60
CA ASP A 100 -18.34 -21.66 -7.47
C ASP A 100 -18.62 -20.16 -7.11
N ALA A 101 -19.85 -19.74 -7.32
CA ALA A 101 -20.30 -18.38 -7.11
C ALA A 101 -19.95 -17.86 -5.69
N ASP A 102 -20.21 -18.70 -4.71
CA ASP A 102 -19.91 -18.37 -3.33
C ASP A 102 -18.41 -18.14 -3.08
N SER A 103 -17.56 -18.93 -3.73
CA SER A 103 -16.13 -18.83 -3.54
C SER A 103 -15.55 -17.59 -4.15
N LEU A 104 -16.08 -17.21 -5.30
CA LEU A 104 -15.73 -15.96 -5.95
C LEU A 104 -16.16 -14.76 -5.10
N GLN A 105 -17.36 -14.82 -4.55
CA GLN A 105 -17.81 -13.78 -3.64
C GLN A 105 -16.87 -13.63 -2.43
N ARG A 106 -16.39 -14.73 -1.90
CA ARG A 106 -15.46 -14.69 -0.83
C ARG A 106 -14.14 -14.09 -1.25
N ALA A 107 -13.72 -14.43 -2.46
CA ALA A 107 -12.50 -13.82 -3.01
C ALA A 107 -12.62 -12.26 -3.24
N TRP A 108 -13.71 -11.79 -3.84
CA TRP A 108 -13.92 -10.33 -4.03
C TRP A 108 -14.02 -9.67 -2.64
N THR A 109 -14.62 -10.38 -1.68
CA THR A 109 -14.68 -9.83 -0.31
C THR A 109 -13.32 -9.70 0.35
N VAL A 110 -12.51 -10.75 0.24
CA VAL A 110 -11.16 -10.67 0.81
C VAL A 110 -10.31 -9.61 0.08
N GLY A 111 -10.40 -9.53 -1.24
CA GLY A 111 -9.81 -8.40 -1.97
C GLY A 111 -10.19 -7.04 -1.39
N TRP A 112 -11.48 -6.85 -1.13
CA TRP A 112 -11.95 -5.61 -0.54
C TRP A 112 -11.43 -5.38 0.86
N CYS A 113 -11.25 -6.45 1.64
CA CYS A 113 -10.61 -6.37 2.93
C CYS A 113 -9.19 -5.80 2.82
N VAL A 114 -8.45 -6.19 1.79
CA VAL A 114 -7.11 -5.59 1.59
C VAL A 114 -7.22 -4.10 1.27
N GLU A 115 -8.20 -3.71 0.44
CA GLU A 115 -8.42 -2.31 0.11
C GLU A 115 -8.83 -1.51 1.36
N LEU A 116 -9.62 -2.15 2.24
CA LEU A 116 -10.04 -1.52 3.48
C LEU A 116 -8.82 -1.33 4.42
N LEU A 117 -7.96 -2.31 4.50
CA LEU A 117 -6.74 -2.14 5.25
C LEU A 117 -5.96 -0.93 4.77
N GLN A 118 -5.71 -0.89 3.45
CA GLN A 118 -5.05 0.24 2.83
C GLN A 118 -5.83 1.60 3.14
N ALA A 119 -7.15 1.60 3.12
CA ALA A 119 -7.90 2.82 3.42
C ALA A 119 -7.67 3.28 4.83
N PHE A 120 -7.60 2.36 5.76
CA PHE A 120 -7.23 2.68 7.13
C PHE A 120 -5.84 3.34 7.21
N PHE A 121 -4.87 2.71 6.52
CA PHE A 121 -3.51 3.18 6.53
C PHE A 121 -3.40 4.60 5.97
N LEU A 122 -4.05 4.84 4.83
N LEU A 122 -4.07 4.87 4.85
CA LEU A 122 -3.88 6.10 4.14
CA LEU A 122 -3.84 6.11 4.15
C LEU A 122 -4.46 7.22 4.96
C LEU A 122 -4.54 7.28 4.81
N VAL A 123 -5.68 7.01 5.44
CA VAL A 123 -6.38 8.07 6.16
C VAL A 123 -5.48 8.58 7.36
N ALA A 124 -4.94 7.61 8.10
CA ALA A 124 -4.06 7.91 9.22
C ALA A 124 -2.74 8.53 8.75
N ASP A 125 -2.13 7.93 7.74
CA ASP A 125 -0.86 8.42 7.18
C ASP A 125 -0.99 9.91 6.69
N ASP A 126 -2.08 10.22 6.00
CA ASP A 126 -2.30 11.61 5.54
C ASP A 126 -2.29 12.63 6.66
N ILE A 127 -2.85 12.25 7.77
CA ILE A 127 -2.78 13.09 8.98
C ILE A 127 -1.35 13.20 9.46
N MET A 128 -0.68 12.06 9.60
CA MET A 128 0.71 12.08 10.11
C MET A 128 1.75 12.76 9.19
N ASP A 129 1.46 12.78 7.90
CA ASP A 129 2.29 13.39 6.89
C ASP A 129 1.88 14.80 6.52
N SER A 130 0.85 15.32 7.16
CA SER A 130 0.29 16.60 6.79
C SER A 130 0.06 16.72 5.29
N SER A 131 -0.60 15.73 4.71
CA SER A 131 -0.85 15.73 3.30
C SER A 131 -2.07 16.57 2.96
N LEU A 132 -2.12 17.01 1.70
CA LEU A 132 -3.13 17.89 1.16
C LEU A 132 -4.25 17.12 0.44
N THR A 133 -3.87 16.26 -0.50
CA THR A 133 -4.80 15.56 -1.41
C THR A 133 -4.41 14.10 -1.51
N ARG A 134 -5.39 13.30 -1.88
CA ARG A 134 -5.24 11.87 -2.06
C ARG A 134 -6.32 11.40 -3.03
N ARG A 135 -5.92 10.60 -4.04
CA ARG A 135 -6.84 10.11 -5.08
C ARG A 135 -7.62 11.22 -5.72
N GLY A 136 -6.99 12.36 -5.95
CA GLY A 136 -7.65 13.42 -6.74
C GLY A 136 -8.58 14.33 -5.93
N GLN A 137 -8.56 14.23 -4.60
CA GLN A 137 -9.41 15.09 -3.81
C GLN A 137 -8.73 15.37 -2.48
N ILE A 138 -9.24 16.36 -1.79
CA ILE A 138 -8.75 16.76 -0.47
C ILE A 138 -8.68 15.57 0.51
N CYS A 139 -7.61 15.47 1.29
CA CYS A 139 -7.52 14.40 2.27
C CYS A 139 -8.76 14.46 3.20
N TRP A 140 -9.29 13.29 3.57
CA TRP A 140 -10.43 13.15 4.44
C TRP A 140 -10.24 14.03 5.70
N TYR A 141 -9.10 13.99 6.37
CA TYR A 141 -8.97 14.79 7.61
C TYR A 141 -8.99 16.31 7.38
N GLN A 142 -8.67 16.77 6.16
CA GLN A 142 -8.74 18.19 5.81
C GLN A 142 -10.13 18.66 5.47
N LYS A 143 -11.08 17.75 5.26
CA LYS A 143 -12.46 18.18 5.08
C LYS A 143 -12.93 18.97 6.24
N PRO A 144 -13.53 20.13 5.99
CA PRO A 144 -14.17 20.84 7.10
C PRO A 144 -15.17 19.92 7.83
N GLY A 145 -15.14 19.97 9.16
CA GLY A 145 -15.94 19.11 9.99
C GLY A 145 -15.38 17.71 10.21
N VAL A 146 -14.25 17.35 9.62
CA VAL A 146 -13.69 16.03 9.93
C VAL A 146 -12.53 16.23 10.90
N GLY A 147 -11.42 16.79 10.44
CA GLY A 147 -10.21 16.99 11.27
C GLY A 147 -9.78 15.68 11.92
N LEU A 148 -9.51 15.70 13.23
CA LEU A 148 -8.90 14.57 13.90
C LEU A 148 -9.85 13.48 14.27
N ASP A 149 -11.16 13.70 14.12
CA ASP A 149 -12.18 12.65 14.09
C ASP A 149 -11.82 11.53 13.08
N ALA A 150 -11.00 11.89 12.09
CA ALA A 150 -10.53 10.94 11.12
C ALA A 150 -9.73 9.79 11.67
N ILE A 151 -9.20 10.00 12.88
CA ILE A 151 -8.51 8.94 13.61
C ILE A 151 -9.43 7.78 13.88
N ASN A 152 -10.58 8.08 14.45
CA ASN A 152 -11.57 7.06 14.62
C ASN A 152 -12.11 6.48 13.32
N ASP A 153 -12.31 7.34 12.34
CA ASP A 153 -12.81 6.89 11.02
C ASP A 153 -11.85 5.83 10.46
N ALA A 154 -10.54 6.11 10.55
CA ALA A 154 -9.59 5.22 10.04
C ALA A 154 -9.70 3.83 10.72
N ASN A 155 -9.82 3.82 12.02
CA ASN A 155 -9.90 2.57 12.76
C ASN A 155 -11.15 1.79 12.47
N LEU A 156 -12.24 2.48 12.12
CA LEU A 156 -13.47 1.81 11.74
C LEU A 156 -13.27 1.07 10.43
N LEU A 157 -12.48 1.65 9.51
CA LEU A 157 -12.23 0.96 8.26
C LEU A 157 -11.52 -0.37 8.58
N GLU A 158 -10.57 -0.34 9.51
CA GLU A 158 -9.88 -1.55 9.94
C GLU A 158 -10.84 -2.58 10.55
N ALA A 159 -11.69 -2.13 11.46
CA ALA A 159 -12.64 -3.07 12.06
C ALA A 159 -13.53 -3.76 10.99
N CYS A 160 -13.82 -3.07 9.91
CA CYS A 160 -14.67 -3.65 8.88
C CYS A 160 -14.04 -4.91 8.27
N ILE A 161 -12.72 -4.94 8.19
CA ILE A 161 -12.05 -6.11 7.66
C ILE A 161 -12.54 -7.34 8.45
N TYR A 162 -12.46 -7.30 9.78
CA TYR A 162 -12.72 -8.50 10.55
C TYR A 162 -14.21 -8.85 10.58
N ARG A 163 -15.07 -7.86 10.42
CA ARG A 163 -16.50 -8.17 10.29
C ARG A 163 -16.80 -8.86 8.98
N LEU A 164 -16.23 -8.39 7.89
CA LEU A 164 -16.35 -9.10 6.62
C LEU A 164 -15.73 -10.48 6.65
N LEU A 165 -14.55 -10.66 7.23
CA LEU A 165 -13.99 -12.02 7.28
C LEU A 165 -14.99 -13.01 8.00
N LYS A 166 -15.49 -12.58 9.13
CA LYS A 166 -16.56 -13.33 9.79
C LYS A 166 -17.80 -13.58 8.95
N LEU A 167 -18.37 -12.51 8.37
CA LEU A 167 -19.65 -12.71 7.70
C LEU A 167 -19.49 -13.62 6.50
N TYR A 168 -18.34 -13.60 5.86
CA TYR A 168 -18.19 -14.36 4.61
C TYR A 168 -17.33 -15.62 4.71
N CYS A 169 -16.40 -15.66 5.64
CA CYS A 169 -15.42 -16.76 5.68
C CYS A 169 -15.37 -17.58 6.97
N ARG A 170 -16.25 -17.34 7.93
CA ARG A 170 -16.11 -17.97 9.24
C ARG A 170 -16.17 -19.51 9.22
N GLU A 171 -16.91 -20.08 8.27
CA GLU A 171 -17.01 -21.53 8.17
C GLU A 171 -15.91 -22.18 7.29
N GLN A 172 -14.97 -21.38 6.78
CA GLN A 172 -13.93 -21.91 5.88
C GLN A 172 -12.72 -22.42 6.63
N PRO A 173 -12.05 -23.49 6.12
CA PRO A 173 -10.87 -23.94 6.87
C PRO A 173 -9.75 -22.90 7.02
N TYR A 174 -9.71 -21.90 6.14
CA TYR A 174 -8.66 -20.85 6.10
C TYR A 174 -8.98 -19.61 6.96
N TYR A 175 -10.13 -19.60 7.64
CA TYR A 175 -10.62 -18.43 8.34
C TYR A 175 -9.58 -17.85 9.30
N LEU A 176 -9.08 -18.68 10.21
CA LEU A 176 -8.07 -18.26 11.17
C LEU A 176 -6.79 -17.82 10.46
N ASN A 177 -6.37 -18.53 9.42
CA ASN A 177 -5.17 -18.15 8.68
C ASN A 177 -5.34 -16.72 8.15
N LEU A 178 -6.51 -16.41 7.60
CA LEU A 178 -6.73 -15.08 7.10
C LEU A 178 -6.74 -14.02 8.20
N ILE A 179 -7.39 -14.31 9.33
CA ILE A 179 -7.43 -13.36 10.42
C ILE A 179 -6.01 -13.06 10.88
N GLU A 180 -5.23 -14.12 11.05
CA GLU A 180 -3.88 -13.98 11.54
C GLU A 180 -3.04 -13.25 10.48
N LEU A 181 -3.29 -13.48 9.19
CA LEU A 181 -2.54 -12.85 8.15
C LEU A 181 -2.71 -11.34 8.16
N PHE A 182 -3.96 -10.91 8.16
CA PHE A 182 -4.32 -9.53 8.28
C PHE A 182 -3.81 -8.85 9.56
N LEU A 183 -3.91 -9.49 10.71
CA LEU A 183 -3.37 -8.91 11.94
C LEU A 183 -1.87 -8.76 11.86
N GLN A 184 -1.17 -9.81 11.41
CA GLN A 184 0.29 -9.73 11.36
CA GLN A 184 0.28 -9.81 11.26
C GLN A 184 0.74 -8.69 10.33
N SER A 185 0.06 -8.63 9.20
CA SER A 185 0.35 -7.61 8.19
C SER A 185 0.22 -6.21 8.77
N SER A 186 -0.78 -5.98 9.60
CA SER A 186 -0.95 -4.68 10.23
C SER A 186 0.19 -4.36 11.16
N TYR A 187 0.55 -5.35 11.94
CA TYR A 187 1.60 -5.16 12.92
C TYR A 187 2.92 -4.81 12.19
N GLN A 188 3.25 -5.54 11.14
CA GLN A 188 4.46 -5.30 10.42
C GLN A 188 4.47 -3.89 9.86
N THR A 189 3.35 -3.53 9.26
CA THR A 189 3.15 -2.27 8.62
C THR A 189 3.33 -1.16 9.62
N GLU A 190 2.81 -1.34 10.83
CA GLU A 190 2.94 -0.31 11.88
C GLU A 190 4.39 -0.20 12.41
N ILE A 191 5.06 -1.32 12.46
CA ILE A 191 6.44 -1.34 12.81
C ILE A 191 7.23 -0.52 11.78
N GLY A 192 6.89 -0.70 10.52
CA GLY A 192 7.53 0.05 9.41
C GLY A 192 7.20 1.54 9.44
N GLN A 193 5.95 1.87 9.79
CA GLN A 193 5.56 3.28 10.03
C GLN A 193 6.35 3.93 11.20
N THR A 194 6.50 3.18 12.30
CA THR A 194 7.33 3.59 13.43
C THR A 194 8.73 3.99 12.92
N LEU A 195 9.35 3.15 12.11
CA LEU A 195 10.71 3.49 11.61
C LEU A 195 10.70 4.69 10.68
N ASP A 196 9.68 4.76 9.81
CA ASP A 196 9.44 5.92 8.95
C ASP A 196 9.42 7.22 9.77
N LEU A 197 8.64 7.23 10.85
CA LEU A 197 8.54 8.39 11.70
C LEU A 197 9.82 8.65 12.52
N LEU A 198 10.45 7.62 13.07
CA LEU A 198 11.64 7.80 13.87
C LEU A 198 12.85 8.31 13.05
N THR A 199 12.90 7.94 11.78
CA THR A 199 13.98 8.30 10.91
C THR A 199 13.84 9.72 10.45
N ALA A 200 12.64 10.29 10.63
CA ALA A 200 12.28 11.61 10.11
C ALA A 200 11.70 12.55 11.16
N PRO A 201 12.36 12.73 12.30
CA PRO A 201 11.86 13.72 13.28
C PRO A 201 11.78 15.19 12.73
N GLN A 202 10.62 15.81 12.91
CA GLN A 202 10.30 17.16 12.38
C GLN A 202 11.22 18.22 12.99
N GLY A 203 11.70 19.14 12.18
CA GLY A 203 12.56 20.18 12.70
C GLY A 203 13.96 19.73 13.11
N ASN A 204 14.35 18.50 12.84
CA ASN A 204 15.82 18.15 13.01
C ASN A 204 16.59 18.09 11.68
N VAL A 205 17.91 18.17 11.68
CA VAL A 205 18.69 17.70 10.51
C VAL A 205 18.75 16.19 10.60
N ASP A 206 18.18 15.48 9.65
CA ASP A 206 18.09 14.04 9.77
C ASP A 206 19.04 13.26 8.76
N LEU A 207 19.93 13.98 8.07
CA LEU A 207 20.73 13.38 6.95
C LEU A 207 21.57 12.15 7.34
N VAL A 208 22.27 12.20 8.47
CA VAL A 208 23.07 11.03 8.94
C VAL A 208 22.19 9.76 9.10
N ARG A 209 20.93 9.93 9.40
CA ARG A 209 20.02 8.77 9.58
C ARG A 209 19.64 8.10 8.23
N PHE A 210 19.81 8.80 7.11
CA PHE A 210 19.24 8.37 5.83
C PHE A 210 20.21 7.49 5.04
N THR A 211 20.33 6.21 5.43
CA THR A 211 21.25 5.26 4.76
C THR A 211 20.42 4.26 3.98
N GLU A 212 21.08 3.54 3.10
CA GLU A 212 20.46 2.56 2.28
C GLU A 212 19.95 1.36 3.13
N LYS A 213 20.71 0.95 4.13
CA LYS A 213 20.28 -0.14 5.00
C LYS A 213 18.96 0.21 5.77
N ARG A 214 18.89 1.43 6.29
CA ARG A 214 17.70 1.87 7.01
C ARG A 214 16.57 2.01 6.03
N TYR A 215 16.85 2.56 4.85
CA TYR A 215 15.85 2.64 3.82
C TYR A 215 15.22 1.31 3.50
N LYS A 216 16.02 0.31 3.20
CA LYS A 216 15.47 -1.03 2.85
C LYS A 216 14.61 -1.62 4.00
N SER A 217 15.01 -1.39 5.26
CA SER A 217 14.22 -1.85 6.43
C SER A 217 12.87 -1.14 6.50
N ILE A 218 12.89 0.18 6.39
CA ILE A 218 11.63 0.92 6.40
C ILE A 218 10.62 0.33 5.41
N VAL A 219 11.02 0.24 4.16
CA VAL A 219 10.05 -0.03 3.12
C VAL A 219 9.63 -1.49 3.09
N LYS A 220 10.51 -2.38 3.47
CA LYS A 220 10.08 -3.76 3.73
C LYS A 220 8.87 -3.86 4.65
N TYR A 221 8.96 -3.18 5.77
CA TYR A 221 7.96 -3.29 6.81
C TYR A 221 6.73 -2.42 6.52
N LYS A 222 6.91 -1.18 6.08
CA LYS A 222 5.80 -0.27 5.89
C LYS A 222 4.97 -0.52 4.66
N THR A 223 5.57 -1.12 3.63
CA THR A 223 4.91 -1.24 2.35
C THR A 223 4.87 -2.70 1.79
N ALA A 224 6.01 -3.39 1.79
CA ALA A 224 6.11 -4.63 1.05
C ALA A 224 5.22 -5.74 1.60
N PHE A 225 5.19 -5.94 2.92
CA PHE A 225 4.38 -6.98 3.51
C PHE A 225 2.92 -6.81 3.08
N TYR A 226 2.33 -5.65 3.30
CA TYR A 226 0.89 -5.53 3.07
C TYR A 226 0.53 -5.33 1.61
N SER A 227 1.41 -4.70 0.82
CA SER A 227 1.07 -4.39 -0.53
C SER A 227 1.24 -5.56 -1.50
N PHE A 228 2.14 -6.47 -1.21
CA PHE A 228 2.50 -7.58 -2.11
C PHE A 228 2.38 -8.95 -1.47
N TYR A 229 2.92 -9.16 -0.26
CA TYR A 229 2.80 -10.46 0.34
C TYR A 229 1.35 -10.74 0.75
N LEU A 230 0.77 -9.86 1.55
CA LEU A 230 -0.61 -10.00 2.03
C LEU A 230 -1.65 -10.47 0.97
N PRO A 231 -1.80 -9.78 -0.17
CA PRO A 231 -2.87 -10.23 -1.10
C PRO A 231 -2.66 -11.61 -1.72
N ILE A 232 -1.43 -11.90 -2.10
CA ILE A 232 -1.12 -13.14 -2.70
C ILE A 232 -1.22 -14.25 -1.65
N ALA A 233 -0.68 -14.00 -0.45
CA ALA A 233 -0.80 -14.98 0.63
C ALA A 233 -2.23 -15.32 0.96
N ALA A 234 -3.10 -14.30 0.94
CA ALA A 234 -4.50 -14.50 1.25
C ALA A 234 -5.07 -15.43 0.21
N ALA A 235 -4.75 -15.21 -1.06
CA ALA A 235 -5.27 -16.04 -2.12
C ALA A 235 -4.72 -17.47 -1.97
N MET A 236 -3.46 -17.57 -1.60
CA MET A 236 -2.86 -18.87 -1.35
C MET A 236 -3.60 -19.68 -0.30
N TYR A 237 -3.81 -19.10 0.85
CA TYR A 237 -4.55 -19.79 1.89
C TYR A 237 -5.97 -20.13 1.47
N MET A 238 -6.61 -19.21 0.74
CA MET A 238 -7.93 -19.50 0.17
C MET A 238 -7.89 -20.71 -0.72
N ALA A 239 -6.82 -20.88 -1.50
CA ALA A 239 -6.65 -22.08 -2.27
C ALA A 239 -6.11 -23.30 -1.50
N GLY A 240 -6.02 -23.22 -0.16
CA GLY A 240 -5.47 -24.36 0.61
C GLY A 240 -3.96 -24.55 0.48
N ILE A 241 -3.26 -23.58 -0.05
CA ILE A 241 -1.80 -23.62 -0.02
C ILE A 241 -1.31 -22.92 1.25
N ASP A 242 -1.02 -23.70 2.27
CA ASP A 242 -0.70 -23.12 3.55
C ASP A 242 0.69 -23.49 4.02
N GLY A 243 1.47 -24.19 3.20
CA GLY A 243 2.79 -24.65 3.63
C GLY A 243 3.70 -23.45 3.88
N GLU A 244 4.40 -23.48 5.00
CA GLU A 244 5.51 -22.55 5.26
C GLU A 244 6.52 -22.34 4.10
N LYS A 245 6.98 -23.41 3.44
CA LYS A 245 8.02 -23.22 2.40
C LYS A 245 7.42 -22.46 1.19
N GLU A 246 6.18 -22.78 0.84
CA GLU A 246 5.55 -22.12 -0.29
C GLU A 246 5.34 -20.64 0.00
N HIS A 247 4.98 -20.30 1.24
CA HIS A 247 4.84 -18.91 1.62
C HIS A 247 6.18 -18.20 1.67
N ALA A 248 7.21 -18.86 2.20
CA ALA A 248 8.54 -18.25 2.23
C ALA A 248 9.05 -17.94 0.80
N ASN A 249 8.87 -18.88 -0.12
CA ASN A 249 9.26 -18.66 -1.50
C ASN A 249 8.49 -17.51 -2.19
N ALA A 250 7.20 -17.47 -1.98
CA ALA A 250 6.42 -16.38 -2.52
C ALA A 250 6.92 -15.04 -1.97
N LYS A 251 7.20 -15.05 -0.67
CA LYS A 251 7.66 -13.87 0.03
C LYS A 251 8.99 -13.35 -0.54
N LYS A 252 9.92 -14.22 -0.88
CA LYS A 252 11.18 -13.76 -1.47
C LYS A 252 10.89 -12.90 -2.70
N ILE A 253 10.01 -13.35 -3.59
CA ILE A 253 9.66 -12.55 -4.77
C ILE A 253 8.94 -11.25 -4.33
N LEU A 254 7.89 -11.39 -3.54
CA LEU A 254 6.94 -10.32 -3.29
C LEU A 254 7.49 -9.16 -2.42
N LEU A 255 8.36 -9.48 -1.46
CA LEU A 255 8.99 -8.44 -0.66
C LEU A 255 9.94 -7.59 -1.47
N GLU A 256 10.61 -8.18 -2.43
CA GLU A 256 11.47 -7.38 -3.32
C GLU A 256 10.66 -6.50 -4.30
N MET A 257 9.58 -7.02 -4.83
CA MET A 257 8.66 -6.16 -5.63
C MET A 257 8.20 -4.96 -4.82
N GLY A 258 7.88 -5.22 -3.57
CA GLY A 258 7.42 -4.17 -2.67
C GLY A 258 8.47 -3.08 -2.45
N GLU A 259 9.72 -3.50 -2.26
CA GLU A 259 10.81 -2.54 -2.15
C GLU A 259 10.88 -1.66 -3.43
N PHE A 260 10.87 -2.27 -4.63
CA PHE A 260 10.75 -1.45 -5.84
C PHE A 260 9.49 -0.52 -5.84
N PHE A 261 8.34 -1.05 -5.44
CA PHE A 261 7.12 -0.27 -5.43
C PHE A 261 7.29 1.01 -4.60
N GLN A 262 7.94 0.89 -3.44
CA GLN A 262 8.10 2.02 -2.57
C GLN A 262 9.10 3.02 -3.12
N ILE A 263 10.17 2.52 -3.73
CA ILE A 263 11.13 3.40 -4.40
C ILE A 263 10.40 4.23 -5.47
N GLN A 264 9.55 3.59 -6.24
CA GLN A 264 8.78 4.28 -7.25
C GLN A 264 7.82 5.31 -6.64
N ASP A 265 7.23 4.96 -5.51
CA ASP A 265 6.39 5.87 -4.76
C ASP A 265 7.17 7.10 -4.33
N ASP A 266 8.40 6.88 -3.85
CA ASP A 266 9.21 8.02 -3.47
C ASP A 266 9.59 8.89 -4.71
N TYR A 267 9.94 8.24 -5.83
CA TYR A 267 10.31 8.97 -7.03
C TYR A 267 9.14 9.91 -7.43
N LEU A 268 7.93 9.34 -7.43
CA LEU A 268 6.74 10.01 -7.90
C LEU A 268 6.27 11.08 -6.93
N ASP A 269 6.66 10.96 -5.67
CA ASP A 269 6.30 11.98 -4.69
C ASP A 269 6.72 13.37 -5.15
N LEU A 270 7.91 13.43 -5.78
CA LEU A 270 8.50 14.63 -6.31
C LEU A 270 8.36 14.80 -7.84
N PHE A 271 8.52 13.72 -8.60
CA PHE A 271 8.66 13.82 -10.03
C PHE A 271 7.45 13.35 -10.79
N GLY A 272 6.46 12.84 -10.09
CA GLY A 272 5.30 12.27 -10.78
C GLY A 272 4.33 13.41 -11.06
N ASP A 273 3.36 13.16 -11.93
CA ASP A 273 2.34 14.12 -12.31
C ASP A 273 1.16 13.97 -11.36
N PRO A 274 0.87 14.99 -10.50
CA PRO A 274 -0.22 14.87 -9.49
C PRO A 274 -1.59 14.64 -10.09
N SER A 275 -1.74 15.11 -11.32
CA SER A 275 -2.83 14.72 -12.18
C SER A 275 -3.00 13.21 -12.34
N VAL A 276 -1.89 12.46 -12.27
CA VAL A 276 -1.90 11.03 -12.44
C VAL A 276 -1.74 10.33 -11.05
N THR A 277 -0.86 10.83 -10.19
CA THR A 277 -0.71 10.22 -8.88
C THR A 277 -1.96 10.46 -7.97
N GLY A 278 -2.69 11.54 -8.22
CA GLY A 278 -3.85 11.92 -7.40
C GLY A 278 -3.39 12.58 -6.08
N LYS A 279 -2.13 12.95 -5.92
CA LYS A 279 -1.71 13.44 -4.60
C LYS A 279 -0.43 14.26 -4.65
N ILE A 280 -0.38 15.23 -3.76
CA ILE A 280 0.75 16.13 -3.69
C ILE A 280 1.79 15.58 -2.77
N GLY A 281 3.04 15.69 -3.17
CA GLY A 281 4.14 15.10 -2.41
C GLY A 281 4.57 15.97 -1.24
N THR A 282 4.97 15.35 -0.15
CA THR A 282 5.39 16.06 1.05
C THR A 282 6.75 15.51 1.59
N ASP A 283 7.39 14.59 0.90
CA ASP A 283 8.54 13.88 1.51
C ASP A 283 9.66 14.84 1.95
N ILE A 284 10.03 15.76 1.08
CA ILE A 284 11.02 16.78 1.39
C ILE A 284 10.67 17.65 2.57
N GLN A 285 9.46 18.23 2.56
CA GLN A 285 8.93 19.04 3.66
C GLN A 285 8.90 18.22 4.94
N ASP A 286 8.51 16.95 4.82
CA ASP A 286 8.29 16.13 6.01
C ASP A 286 9.59 15.45 6.44
N ASN A 287 10.71 15.74 5.77
CA ASN A 287 12.03 15.25 6.22
C ASN A 287 12.21 13.74 6.10
N LYS A 288 11.65 13.16 5.05
CA LYS A 288 11.61 11.70 4.96
C LYS A 288 12.89 11.07 4.44
N CYS A 289 13.17 9.87 4.93
CA CYS A 289 14.15 8.96 4.36
C CYS A 289 13.60 8.38 3.04
N SER A 290 13.47 9.22 2.05
CA SER A 290 13.03 8.87 0.74
C SER A 290 14.19 8.25 -0.03
N TRP A 291 13.89 7.41 -1.01
CA TRP A 291 14.96 6.78 -1.83
C TRP A 291 15.75 7.90 -2.49
N LEU A 292 15.06 8.96 -2.88
CA LEU A 292 15.71 10.13 -3.53
C LEU A 292 16.78 10.79 -2.64
N VAL A 293 16.47 11.06 -1.38
CA VAL A 293 17.46 11.68 -0.49
C VAL A 293 18.64 10.71 -0.21
N VAL A 294 18.38 9.42 -0.17
CA VAL A 294 19.43 8.43 0.08
C VAL A 294 20.38 8.40 -1.11
N GLN A 295 19.83 8.37 -2.33
CA GLN A 295 20.67 8.43 -3.54
C GLN A 295 21.37 9.79 -3.69
N CYS A 296 20.67 10.86 -3.34
CA CYS A 296 21.34 12.17 -3.25
C CYS A 296 22.64 12.15 -2.38
N LEU A 297 22.52 11.66 -1.15
CA LEU A 297 23.63 11.62 -0.21
C LEU A 297 24.78 10.81 -0.74
N GLN A 298 24.50 9.70 -1.41
CA GLN A 298 25.57 8.89 -2.01
C GLN A 298 26.38 9.62 -3.03
N ARG A 299 25.78 10.59 -3.72
CA ARG A 299 26.42 11.28 -4.84
C ARG A 299 26.97 12.67 -4.53
N ALA A 300 26.43 13.32 -3.53
CA ALA A 300 26.65 14.76 -3.34
C ALA A 300 28.09 15.02 -2.93
N THR A 301 28.65 16.14 -3.42
CA THR A 301 29.93 16.67 -2.89
C THR A 301 29.63 17.27 -1.53
N PRO A 302 30.66 17.61 -0.74
CA PRO A 302 30.43 18.34 0.53
C PRO A 302 29.59 19.62 0.40
N GLU A 303 29.81 20.34 -0.69
CA GLU A 303 29.08 21.56 -0.94
C GLU A 303 27.60 21.23 -1.20
N GLN A 304 27.34 20.15 -1.93
CA GLN A 304 25.96 19.73 -2.19
C GLN A 304 25.30 19.21 -0.94
N TYR A 305 26.06 18.47 -0.12
CA TYR A 305 25.58 18.02 1.20
C TYR A 305 25.04 19.19 2.04
N GLN A 306 25.79 20.28 2.07
CA GLN A 306 25.49 21.48 2.83
C GLN A 306 24.16 22.11 2.34
N ILE A 307 23.96 22.10 1.02
CA ILE A 307 22.75 22.61 0.41
C ILE A 307 21.53 21.80 0.83
N LEU A 308 21.69 20.50 0.81
CA LEU A 308 20.65 19.62 1.25
C LEU A 308 20.40 19.81 2.76
N LYS A 309 21.45 19.98 3.53
CA LYS A 309 21.27 20.19 4.98
C LYS A 309 20.49 21.47 5.29
N GLU A 310 20.79 22.55 4.57
CA GLU A 310 20.15 23.84 4.76
C GLU A 310 18.69 23.88 4.26
N ASN A 311 18.33 23.02 3.33
CA ASN A 311 17.02 23.10 2.68
C ASN A 311 16.04 21.96 2.88
N TYR A 312 16.51 20.83 3.39
CA TYR A 312 15.68 19.64 3.50
C TYR A 312 14.83 19.69 4.76
N GLY A 313 13.61 19.19 4.66
CA GLY A 313 12.79 18.99 5.82
C GLY A 313 12.17 20.28 6.32
N GLN A 314 11.91 21.19 5.41
CA GLN A 314 11.35 22.46 5.81
C GLN A 314 10.24 22.82 4.88
N LYS A 315 9.32 23.63 5.38
CA LYS A 315 8.06 23.86 4.70
C LYS A 315 8.14 24.96 3.61
N GLU A 316 9.22 25.73 3.57
CA GLU A 316 9.34 26.88 2.68
C GLU A 316 9.47 26.35 1.25
N ALA A 317 8.58 26.80 0.37
CA ALA A 317 8.57 26.42 -1.06
C ALA A 317 9.94 26.60 -1.72
N GLU A 318 10.59 27.73 -1.49
CA GLU A 318 11.93 27.94 -2.09
C GLU A 318 12.96 26.90 -1.63
N LYS A 319 12.87 26.43 -0.40
CA LYS A 319 13.82 25.42 0.06
C LYS A 319 13.57 24.05 -0.58
N VAL A 320 12.31 23.65 -0.66
CA VAL A 320 11.93 22.43 -1.34
C VAL A 320 12.43 22.47 -2.79
N ALA A 321 12.20 23.61 -3.47
CA ALA A 321 12.62 23.81 -4.85
C ALA A 321 14.13 23.66 -5.01
N ARG A 322 14.89 24.17 -4.04
CA ARG A 322 16.31 24.00 -4.06
C ARG A 322 16.76 22.51 -3.96
N VAL A 323 16.05 21.73 -3.18
CA VAL A 323 16.38 20.34 -3.05
C VAL A 323 16.11 19.65 -4.40
N LYS A 324 14.94 19.91 -4.97
CA LYS A 324 14.57 19.32 -6.25
C LYS A 324 15.56 19.63 -7.33
N ALA A 325 16.01 20.89 -7.40
CA ALA A 325 17.10 21.28 -8.34
C ALA A 325 18.37 20.50 -8.07
N LEU A 326 18.70 20.28 -6.80
CA LEU A 326 19.89 19.51 -6.50
C LEU A 326 19.81 18.08 -7.09
N TYR A 327 18.64 17.48 -6.93
CA TYR A 327 18.35 16.12 -7.40
C TYR A 327 18.49 16.00 -8.91
N GLU A 328 17.91 16.99 -9.59
CA GLU A 328 18.05 17.16 -11.03
C GLU A 328 19.50 17.45 -11.44
N GLU A 329 20.21 18.29 -10.72
CA GLU A 329 21.62 18.52 -11.04
C GLU A 329 22.38 17.18 -10.96
N LEU A 330 21.97 16.31 -10.04
CA LEU A 330 22.59 14.98 -9.87
C LEU A 330 21.97 13.85 -10.72
N ASP A 331 21.04 14.18 -11.63
CA ASP A 331 20.43 13.24 -12.59
C ASP A 331 19.78 12.06 -11.88
N LEU A 332 19.16 12.35 -10.78
CA LEU A 332 18.44 11.36 -10.07
C LEU A 332 17.26 10.76 -10.86
N PRO A 333 16.58 11.55 -11.74
CA PRO A 333 15.60 10.89 -12.61
C PRO A 333 16.21 9.80 -13.51
N ALA A 334 17.37 10.05 -14.13
CA ALA A 334 18.01 8.99 -14.92
C ALA A 334 18.44 7.82 -14.00
N VAL A 335 18.86 8.13 -12.78
CA VAL A 335 19.31 7.06 -11.87
C VAL A 335 18.13 6.14 -11.56
N PHE A 336 16.99 6.72 -11.23
CA PHE A 336 15.80 5.94 -11.02
C PHE A 336 15.41 5.07 -12.23
N LEU A 337 15.43 5.63 -13.42
CA LEU A 337 15.09 4.86 -14.62
C LEU A 337 16.01 3.64 -14.86
N GLN A 338 17.31 3.81 -14.54
CA GLN A 338 18.29 2.72 -14.54
C GLN A 338 17.98 1.70 -13.46
N TYR A 339 17.69 2.18 -12.25
CA TYR A 339 17.28 1.32 -11.14
C TYR A 339 16.04 0.50 -11.47
N GLU A 340 15.06 1.14 -12.08
CA GLU A 340 13.87 0.43 -12.44
C GLU A 340 14.14 -0.74 -13.40
N GLU A 341 14.97 -0.51 -14.41
CA GLU A 341 15.33 -1.57 -15.37
C GLU A 341 16.04 -2.71 -14.64
N ASP A 342 17.03 -2.40 -13.82
CA ASP A 342 17.77 -3.43 -13.08
C ASP A 342 16.91 -4.17 -12.04
N SER A 343 15.96 -3.47 -11.42
CA SER A 343 15.10 -4.07 -10.42
C SER A 343 14.20 -5.04 -11.13
N TYR A 344 13.68 -4.62 -12.29
CA TYR A 344 12.74 -5.50 -13.06
C TYR A 344 13.45 -6.81 -13.41
N SER A 345 14.65 -6.70 -13.94
CA SER A 345 15.43 -7.91 -14.26
C SER A 345 15.67 -8.77 -13.01
N HIS A 346 16.05 -8.14 -11.92
CA HIS A 346 16.25 -8.86 -10.69
C HIS A 346 14.97 -9.59 -10.17
N ILE A 347 13.82 -8.94 -10.24
CA ILE A 347 12.57 -9.55 -9.83
C ILE A 347 12.23 -10.72 -10.74
N MET A 348 12.50 -10.57 -12.04
CA MET A 348 12.16 -11.63 -12.98
C MET A 348 13.04 -12.85 -12.72
N ALA A 349 14.31 -12.62 -12.38
CA ALA A 349 15.18 -13.72 -12.01
C ALA A 349 14.62 -14.42 -10.76
N LEU A 350 14.10 -13.65 -9.82
CA LEU A 350 13.56 -14.23 -8.60
C LEU A 350 12.35 -15.08 -8.91
N ILE A 351 11.52 -14.62 -9.85
CA ILE A 351 10.37 -15.41 -10.30
C ILE A 351 10.87 -16.71 -10.90
N GLU A 352 11.93 -16.68 -11.73
CA GLU A 352 12.43 -17.93 -12.31
C GLU A 352 12.82 -18.86 -11.17
N GLN A 353 13.51 -18.31 -10.19
CA GLN A 353 13.96 -19.10 -9.06
C GLN A 353 12.86 -19.64 -8.15
N TYR A 354 11.88 -18.83 -7.79
CA TYR A 354 11.09 -19.09 -6.60
C TYR A 354 9.62 -19.25 -6.86
N ALA A 355 9.18 -19.10 -8.10
CA ALA A 355 7.76 -19.19 -8.38
C ALA A 355 7.18 -20.59 -8.21
N ALA A 356 7.88 -21.59 -8.73
CA ALA A 356 7.38 -22.97 -8.68
C ALA A 356 7.08 -23.41 -7.23
N PRO A 357 6.02 -24.15 -7.03
CA PRO A 357 5.12 -24.74 -8.02
C PRO A 357 3.91 -23.86 -8.41
N LEU A 358 3.88 -22.57 -8.02
CA LEU A 358 2.74 -21.71 -8.38
C LEU A 358 2.89 -21.29 -9.84
N PRO A 359 1.77 -21.01 -10.52
CA PRO A 359 1.89 -20.47 -11.87
C PRO A 359 2.78 -19.21 -11.91
N PRO A 360 3.76 -19.17 -12.80
CA PRO A 360 4.48 -17.90 -12.85
C PRO A 360 3.55 -16.70 -13.20
N ALA A 361 2.46 -16.93 -13.95
CA ALA A 361 1.55 -15.84 -14.32
C ALA A 361 1.11 -14.99 -13.09
N VAL A 362 1.07 -15.63 -11.92
CA VAL A 362 0.63 -14.98 -10.70
C VAL A 362 1.53 -13.83 -10.35
N PHE A 363 2.83 -14.06 -10.48
CA PHE A 363 3.81 -13.05 -10.19
C PHE A 363 3.98 -12.11 -11.37
N LEU A 364 3.92 -12.64 -12.59
CA LEU A 364 4.17 -11.83 -13.77
C LEU A 364 3.12 -10.81 -14.01
N GLY A 365 1.84 -11.13 -13.77
CA GLY A 365 0.77 -10.11 -13.93
C GLY A 365 1.00 -8.95 -12.96
N LEU A 366 1.46 -9.33 -11.76
CA LEU A 366 1.72 -8.36 -10.71
C LEU A 366 2.85 -7.47 -11.13
N ALA A 367 3.91 -8.04 -11.66
CA ALA A 367 5.02 -7.24 -12.19
C ALA A 367 4.66 -6.31 -13.35
N ARG A 368 3.82 -6.78 -14.26
CA ARG A 368 3.45 -6.01 -15.43
C ARG A 368 2.74 -4.78 -14.91
N LYS A 369 1.92 -4.93 -13.87
CA LYS A 369 1.18 -3.79 -13.29
C LYS A 369 2.08 -2.74 -12.70
N ILE A 370 3.20 -3.10 -12.08
CA ILE A 370 3.99 -2.08 -11.38
C ILE A 370 5.17 -1.49 -12.18
N TYR A 371 5.74 -2.28 -13.11
CA TYR A 371 6.77 -1.76 -14.03
C TYR A 371 6.14 -1.18 -15.32
N LYS A 372 6.58 0.02 -15.70
CA LYS A 372 6.08 0.80 -16.88
C LYS A 372 6.08 2.26 -16.46
MG MG B . 3.95 8.37 5.41
MG MG C . 2.11 9.65 3.19
MG MG D . 4.88 8.35 -0.63
OAJ YS1 E . 4.88 5.91 3.06
PAI YS1 E . 4.17 7.12 2.32
OAK YS1 E . 3.63 8.08 3.40
OAL YS1 E . 5.04 7.70 1.27
CAH YS1 E . 2.70 6.47 1.41
PAM YS1 E . 1.95 7.81 0.42
OAN YS1 E . 0.71 7.15 -0.25
OAP YS1 E . 1.41 8.87 1.34
OAO YS1 E . 2.97 8.26 -0.54
NAG YS1 E . 1.67 5.98 2.34
CAD YS1 E . 1.89 4.84 3.05
CAE YS1 E . 1.36 4.80 4.34
NAC YS1 E . 2.66 3.82 2.55
CAB YS1 E . 2.85 2.70 3.41
CAA YS1 E . 2.30 2.64 4.73
CAF YS1 E . 1.54 3.69 5.22
CAQ YS1 E . 1.01 3.70 6.55
CAV YS1 E . 0.59 2.59 7.26
CAU YS1 E . 0.13 2.61 8.56
CAR YS1 E . 0.98 4.86 7.28
CAS YS1 E . 0.50 4.90 8.58
CAT YS1 E . 0.04 3.77 9.24
OAW YS1 E . -0.34 3.88 10.56
CAX YS1 E . -1.17 2.89 11.18
CAY YS1 E . -1.87 3.24 12.35
CAZ YS1 E . -2.28 3.79 11.09
C1 GOL F . -15.17 -11.14 14.44
O1 GOL F . -13.75 -11.18 14.65
C2 GOL F . -15.75 -9.91 15.07
O2 GOL F . -17.18 -10.06 15.20
C3 GOL F . -15.39 -8.71 14.20
O3 GOL F . -15.94 -7.53 14.81
#